data_8AJ2
#
_entry.id   8AJ2
#
_cell.length_a   103.129
_cell.length_b   103.129
_cell.length_c   93.587
_cell.angle_alpha   90.000
_cell.angle_beta   90.000
_cell.angle_gamma   120.000
#
_symmetry.space_group_name_H-M   'P 62'
#
loop_
_entity.id
_entity.type
_entity.pdbx_description
1 polymer 'Structured core of Knr4'
2 water water
#
_entity_poly.entity_id   1
_entity_poly.type   'polypeptide(L)'
_entity_poly.pdbx_seq_one_letter_code
;GPLGSHMSTESNDGVSETLLAWRHIDFWTSEHNPDLNATLSDPCTQNDITHAEEDLEVSFPNPVKASFKIHDGQEDLESM
TGTSGLFYGFQLMTLDQVVAMTQAWRNVAKNLNKRSPDQKSIPPNAVQPVYAHPAWIPLITDNAGNHIGVDLAPGPNGKY
AQIITFGRDFDTKFVIAENWGEFLLSFANDLEAGNWYLVDDNDDYFSGDGELVFRDKKSNGPIQDYFEVLKRRTWIKYQL
ERPHRD
;
_entity_poly.pdbx_strand_id   A,B
#
# COMPACT_ATOMS: atom_id res chain seq x y z
N ASN A 12 10.54 13.26 3.09
CA ASN A 12 11.76 13.66 3.86
C ASN A 12 11.65 13.45 5.39
N ASP A 13 10.56 12.79 5.82
CA ASP A 13 10.36 12.53 7.26
C ASP A 13 11.26 11.37 7.71
N GLY A 14 11.92 11.56 8.83
CA GLY A 14 12.87 10.63 9.36
C GLY A 14 14.24 10.91 8.80
N VAL A 15 14.42 11.80 7.78
CA VAL A 15 15.70 11.96 7.14
C VAL A 15 16.68 12.58 8.15
N SER A 16 16.34 13.72 8.79
CA SER A 16 17.17 14.33 9.84
C SER A 16 17.54 13.36 10.98
N GLU A 17 16.54 12.57 11.39
CA GLU A 17 16.77 11.57 12.47
C GLU A 17 17.75 10.51 11.99
N THR A 18 17.62 10.06 10.75
CA THR A 18 18.54 9.06 10.22
C THR A 18 19.97 9.58 10.27
N LEU A 19 20.17 10.84 9.85
CA LEU A 19 21.49 11.45 9.77
C LEU A 19 22.11 11.60 11.16
N LEU A 20 21.28 12.00 12.13
CA LEU A 20 21.73 12.23 13.47
C LEU A 20 22.00 10.87 14.14
N ALA A 21 21.12 9.90 13.96
CA ALA A 21 21.34 8.57 14.50
C ALA A 21 22.67 7.94 14.05
N TRP A 22 22.98 7.99 12.77
CA TRP A 22 24.21 7.50 12.24
C TRP A 22 25.41 8.25 12.78
N ARG A 23 25.28 9.55 13.02
CA ARG A 23 26.40 10.28 13.66
C ARG A 23 26.64 9.65 15.03
N HIS A 24 25.62 9.60 15.86
CA HIS A 24 25.76 8.97 17.16
C HIS A 24 26.27 7.51 17.10
N ILE A 25 25.77 6.66 16.21
CA ILE A 25 26.15 5.27 16.12
C ILE A 25 27.60 5.16 15.61
N ASP A 26 28.00 5.94 14.58
CA ASP A 26 29.37 5.97 14.07
C ASP A 26 30.28 6.31 15.23
N PHE A 27 29.93 7.38 15.98
CA PHE A 27 30.82 7.87 17.03
C PHE A 27 30.80 6.89 18.22
N TRP A 28 29.66 6.34 18.64
CA TRP A 28 29.62 5.45 19.77
C TRP A 28 30.44 4.17 19.45
N THR A 29 30.30 3.60 18.25
CA THR A 29 30.97 2.36 17.91
C THR A 29 32.48 2.59 17.80
N SER A 30 32.90 3.72 17.23
CA SER A 30 34.33 4.03 17.14
C SER A 30 34.98 4.18 18.52
N GLU A 31 34.25 4.63 19.58
CA GLU A 31 34.74 4.63 20.97
C GLU A 31 34.70 3.25 21.63
N HIS A 32 33.53 2.61 21.65
CA HIS A 32 33.25 1.54 22.58
C HIS A 32 33.32 0.19 21.90
N ASN A 33 33.32 0.12 20.58
CA ASN A 33 33.29 -1.21 19.91
C ASN A 33 33.89 -1.09 18.51
N PRO A 34 35.19 -0.82 18.38
CA PRO A 34 35.82 -0.62 17.07
C PRO A 34 35.69 -1.78 16.07
N ASP A 35 35.54 -3.01 16.56
CA ASP A 35 35.36 -4.18 15.71
C ASP A 35 34.03 -4.09 14.98
N LEU A 36 32.99 -3.77 15.73
CA LEU A 36 31.67 -3.50 15.16
C LEU A 36 31.68 -2.29 14.20
N ASN A 37 32.31 -1.19 14.59
CA ASN A 37 32.52 -0.05 13.70
C ASN A 37 33.14 -0.48 12.36
N ALA A 38 34.17 -1.37 12.37
CA ALA A 38 34.84 -1.77 11.12
C ALA A 38 33.94 -2.67 10.25
N THR A 39 32.87 -3.26 10.77
CA THR A 39 31.90 -3.95 9.93
C THR A 39 30.94 -3.03 9.18
N LEU A 40 30.84 -1.71 9.41
CA LEU A 40 29.83 -0.89 8.73
C LEU A 40 30.32 -0.58 7.33
N SER A 41 29.58 -0.96 6.30
CA SER A 41 30.13 -0.88 4.96
C SER A 41 30.16 0.59 4.48
N ASP A 42 30.89 0.78 3.39
CA ASP A 42 30.81 2.01 2.64
C ASP A 42 29.38 2.31 2.19
N PRO A 43 29.05 3.60 1.94
CA PRO A 43 27.79 3.95 1.28
C PRO A 43 27.45 3.15 0.01
N CYS A 44 26.16 3.08 -0.28
CA CYS A 44 25.74 2.55 -1.59
C CYS A 44 25.68 3.76 -2.51
N THR A 45 25.94 3.58 -3.80
CA THR A 45 25.82 4.64 -4.78
C THR A 45 24.33 4.76 -5.12
N GLN A 46 23.98 5.89 -5.72
CA GLN A 46 22.68 6.08 -6.33
C GLN A 46 22.42 4.98 -7.36
N ASN A 47 23.42 4.58 -8.15
CA ASN A 47 23.26 3.46 -9.09
C ASN A 47 22.82 2.19 -8.38
N ASP A 48 23.49 1.79 -7.30
CA ASP A 48 23.14 0.57 -6.55
C ASP A 48 21.67 0.64 -6.16
N ILE A 49 21.23 1.80 -5.66
CA ILE A 49 19.89 2.00 -5.16
C ILE A 49 18.86 1.95 -6.31
N THR A 50 19.15 2.61 -7.43
CA THR A 50 18.29 2.54 -8.60
C THR A 50 18.09 1.09 -9.05
N HIS A 51 19.20 0.33 -9.15
CA HIS A 51 19.18 -1.07 -9.58
C HIS A 51 18.30 -1.91 -8.68
N ALA A 52 18.38 -1.70 -7.36
CA ALA A 52 17.57 -2.41 -6.40
C ALA A 52 16.09 -2.01 -6.45
N GLU A 53 15.81 -0.72 -6.59
CA GLU A 53 14.39 -0.29 -6.74
C GLU A 53 13.85 -0.93 -8.01
N GLU A 54 14.60 -0.87 -9.11
CA GLU A 54 14.22 -1.55 -10.34
C GLU A 54 13.91 -3.05 -10.14
N ASP A 55 14.77 -3.80 -9.40
CA ASP A 55 14.64 -5.26 -9.24
C ASP A 55 13.41 -5.57 -8.41
N LEU A 56 13.13 -4.80 -7.37
CA LEU A 56 12.00 -5.04 -6.53
C LEU A 56 10.72 -4.33 -6.93
N GLU A 57 10.76 -3.40 -7.89
CA GLU A 57 9.63 -2.50 -8.25
C GLU A 57 9.05 -1.78 -7.06
N VAL A 58 9.90 -1.13 -6.25
CA VAL A 58 9.52 -0.31 -5.11
C VAL A 58 10.35 0.98 -5.15
N SER A 59 9.82 2.02 -4.47
CA SER A 59 10.58 3.20 -4.03
C SER A 59 10.96 3.01 -2.58
N PHE A 60 12.28 3.11 -2.27
CA PHE A 60 12.69 3.08 -0.88
C PHE A 60 12.25 4.44 -0.30
N PRO A 61 11.62 4.50 0.87
CA PRO A 61 11.32 5.79 1.50
C PRO A 61 12.58 6.63 1.67
N ASN A 62 12.48 7.95 1.70
CA ASN A 62 13.63 8.83 1.91
C ASN A 62 14.54 8.48 3.10
N PRO A 63 14.12 8.19 4.33
CA PRO A 63 15.07 7.87 5.43
C PRO A 63 15.87 6.59 5.20
N VAL A 64 15.31 5.65 4.48
CA VAL A 64 15.98 4.38 4.18
C VAL A 64 17.05 4.58 3.12
N LYS A 65 16.70 5.34 2.06
CA LYS A 65 17.72 5.68 1.10
C LYS A 65 18.84 6.50 1.70
N ALA A 66 18.55 7.44 2.59
CA ALA A 66 19.62 8.20 3.24
C ALA A 66 20.50 7.25 4.09
N SER A 67 19.89 6.26 4.82
CA SER A 67 20.63 5.30 5.61
C SER A 67 21.60 4.49 4.70
N PHE A 68 21.12 3.96 3.57
CA PHE A 68 21.95 3.24 2.59
C PHE A 68 23.06 4.09 2.01
N LYS A 69 22.85 5.41 1.79
CA LYS A 69 23.95 6.24 1.36
C LYS A 69 24.93 6.61 2.51
N ILE A 70 24.72 6.13 3.74
CA ILE A 70 25.74 6.26 4.79
C ILE A 70 26.46 4.91 4.97
N HIS A 71 25.69 3.82 5.16
CA HIS A 71 26.28 2.47 5.22
C HIS A 71 25.43 1.47 4.48
N ASP A 72 26.00 0.83 3.44
CA ASP A 72 25.34 -0.32 2.80
C ASP A 72 25.39 -1.57 3.72
N GLY A 73 24.64 -1.53 4.80
CA GLY A 73 24.68 -2.62 5.77
C GLY A 73 26.03 -2.76 6.50
N GLN A 74 26.23 -3.99 6.94
CA GLN A 74 27.38 -4.51 7.66
C GLN A 74 27.98 -5.68 6.89
N GLU A 75 29.30 -5.75 6.76
CA GLU A 75 30.03 -6.95 6.34
C GLU A 75 31.23 -7.14 7.24
N ASP A 76 31.38 -8.33 7.86
CA ASP A 76 32.58 -8.69 8.63
C ASP A 76 33.48 -9.58 7.78
N LEU A 77 34.72 -9.12 7.49
CA LEU A 77 35.81 -9.90 6.90
C LEU A 77 35.88 -11.30 7.54
N SER A 84 29.63 -8.96 14.83
CA SER A 84 28.34 -9.39 14.24
C SER A 84 27.34 -8.23 14.42
N GLY A 85 26.09 -8.44 14.82
CA GLY A 85 25.04 -7.53 14.42
C GLY A 85 25.06 -6.24 15.22
N LEU A 86 24.90 -5.14 14.53
CA LEU A 86 24.93 -3.81 15.15
C LEU A 86 23.83 -3.65 16.18
N PHE A 87 22.62 -4.19 15.88
CA PHE A 87 21.45 -3.85 16.66
C PHE A 87 21.40 -4.89 17.76
N TYR A 88 22.33 -4.82 18.70
CA TYR A 88 22.35 -5.78 19.82
C TYR A 88 22.37 -7.23 19.36
N GLY A 89 23.22 -7.52 18.37
CA GLY A 89 23.27 -8.85 17.78
C GLY A 89 22.48 -9.02 16.50
N PHE A 90 21.52 -8.15 16.14
CA PHE A 90 20.74 -8.22 14.91
C PHE A 90 21.54 -7.46 13.84
N GLN A 91 21.67 -8.05 12.66
CA GLN A 91 22.53 -7.54 11.59
C GLN A 91 21.79 -6.53 10.70
N LEU A 92 22.41 -5.42 10.38
CA LEU A 92 21.96 -4.51 9.35
C LEU A 92 22.35 -5.12 7.99
N MET A 93 21.34 -5.28 7.11
CA MET A 93 21.50 -6.04 5.87
C MET A 93 22.05 -5.14 4.80
N THR A 94 22.90 -5.67 3.95
CA THR A 94 23.41 -4.97 2.79
C THR A 94 22.27 -4.89 1.78
N LEU A 95 22.37 -3.96 0.82
CA LEU A 95 21.34 -3.81 -0.21
C LEU A 95 21.12 -5.10 -1.01
N ASP A 96 22.21 -5.76 -1.37
CA ASP A 96 22.18 -7.10 -1.93
C ASP A 96 21.34 -8.09 -1.11
N GLN A 97 21.54 -8.14 0.22
CA GLN A 97 20.77 -9.05 1.06
C GLN A 97 19.30 -8.61 1.13
N VAL A 98 19.04 -7.28 1.14
CA VAL A 98 17.65 -6.84 1.14
C VAL A 98 16.92 -7.35 -0.12
N VAL A 99 17.55 -7.27 -1.28
CA VAL A 99 17.00 -7.67 -2.57
C VAL A 99 16.71 -9.19 -2.54
N ALA A 100 17.76 -9.96 -2.20
CA ALA A 100 17.70 -11.44 -2.24
C ALA A 100 16.63 -11.86 -1.22
N MET A 101 16.61 -11.24 -0.05
CA MET A 101 15.68 -11.69 0.97
C MET A 101 14.23 -11.28 0.68
N THR A 102 14.04 -10.06 0.11
CA THR A 102 12.69 -9.64 -0.35
C THR A 102 12.18 -10.60 -1.41
N GLN A 103 13.04 -11.00 -2.36
CA GLN A 103 12.61 -11.97 -3.38
C GLN A 103 12.27 -13.31 -2.73
N ALA A 104 13.01 -13.78 -1.70
CA ALA A 104 12.67 -15.04 -1.05
C ALA A 104 11.31 -14.91 -0.32
N TRP A 105 11.04 -13.80 0.36
CA TRP A 105 9.72 -13.62 0.97
C TRP A 105 8.58 -13.55 -0.07
N ARG A 106 8.82 -12.90 -1.21
CA ARG A 106 7.88 -12.90 -2.34
C ARG A 106 7.60 -14.29 -2.86
N ASN A 107 8.59 -15.20 -2.92
CA ASN A 107 8.29 -16.57 -3.36
C ASN A 107 7.35 -17.31 -2.42
N VAL A 108 7.47 -17.07 -1.14
CA VAL A 108 6.63 -17.61 -0.07
C VAL A 108 5.22 -17.00 -0.04
N ALA A 109 5.09 -15.64 -0.15
CA ALA A 109 3.77 -14.99 -0.23
C ALA A 109 2.91 -15.57 -1.36
N LYS A 110 3.55 -15.81 -2.51
CA LYS A 110 2.98 -16.61 -3.57
C LYS A 110 2.33 -17.96 -3.18
N ASN A 111 2.57 -18.69 -2.03
CA ASN A 111 1.89 -19.97 -1.66
C ASN A 111 1.16 -19.90 -0.29
N LEU A 112 1.02 -21.03 0.43
CA LEU A 112 0.94 -21.05 1.90
C LEU A 112 2.31 -20.68 2.48
N PRO A 117 -1.49 -20.76 9.81
CA PRO A 117 -0.79 -19.85 10.76
C PRO A 117 -1.66 -18.66 11.23
N ASP A 118 -1.72 -18.31 12.55
CA ASP A 118 -2.62 -17.25 13.05
C ASP A 118 -1.99 -15.85 13.36
N GLN A 119 -2.16 -14.92 12.42
CA GLN A 119 -1.35 -13.74 12.23
C GLN A 119 -2.10 -12.55 12.84
N LYS A 120 -1.38 -11.72 13.58
CA LYS A 120 -1.96 -10.57 14.27
C LYS A 120 -1.05 -9.36 14.07
N SER A 121 -1.61 -8.18 14.39
CA SER A 121 -0.97 -6.90 14.35
C SER A 121 -1.10 -6.22 15.71
N ILE A 122 -0.02 -5.55 16.18
CA ILE A 122 -0.10 -4.62 17.31
C ILE A 122 0.55 -3.29 16.91
N PRO A 123 -0.11 -2.12 16.95
CA PRO A 123 -1.53 -1.96 17.22
C PRO A 123 -2.43 -2.74 16.27
N PRO A 124 -3.66 -3.09 16.68
CA PRO A 124 -4.63 -3.77 15.83
C PRO A 124 -4.86 -2.94 14.58
N ASN A 125 -4.94 -3.68 13.45
CA ASN A 125 -5.17 -3.17 12.12
C ASN A 125 -4.12 -2.18 11.65
N ALA A 126 -2.93 -2.10 12.25
CA ALA A 126 -1.87 -1.27 11.68
C ALA A 126 -1.09 -2.00 10.60
N VAL A 127 -1.00 -3.33 10.72
CA VAL A 127 -0.16 -4.12 9.83
C VAL A 127 -1.04 -5.25 9.28
N GLN A 128 -0.94 -5.63 8.04
CA GLN A 128 -1.73 -6.76 7.53
C GLN A 128 -1.43 -8.05 8.33
N PRO A 129 -2.49 -8.79 8.74
CA PRO A 129 -2.35 -9.97 9.61
C PRO A 129 -2.02 -11.12 8.67
N VAL A 130 -0.79 -11.19 8.13
CA VAL A 130 -0.40 -12.22 7.17
C VAL A 130 1.04 -12.61 7.51
N TYR A 131 1.48 -13.79 7.03
CA TYR A 131 2.77 -14.43 7.26
C TYR A 131 3.80 -13.58 6.51
N ALA A 132 3.46 -13.27 5.26
CA ALA A 132 4.38 -12.61 4.33
C ALA A 132 3.63 -11.65 3.37
N HIS A 133 4.30 -10.59 2.95
CA HIS A 133 3.72 -9.59 2.05
C HIS A 133 4.83 -9.12 1.14
N PRO A 134 4.64 -9.06 -0.21
CA PRO A 134 5.70 -8.58 -1.09
C PRO A 134 6.24 -7.17 -0.85
N ALA A 135 5.45 -6.32 -0.14
CA ALA A 135 5.82 -4.92 0.12
C ALA A 135 6.43 -4.72 1.50
N TRP A 136 6.69 -5.79 2.28
CA TRP A 136 7.47 -5.75 3.53
C TRP A 136 8.94 -5.95 3.19
N ILE A 137 9.73 -4.88 3.33
CA ILE A 137 11.12 -4.84 2.91
C ILE A 137 11.99 -5.06 4.16
N PRO A 138 12.66 -6.21 4.29
CA PRO A 138 13.48 -6.50 5.49
C PRO A 138 14.77 -5.63 5.41
N LEU A 139 15.16 -4.99 6.51
CA LEU A 139 16.40 -4.22 6.62
C LEU A 139 17.37 -4.71 7.71
N ILE A 140 16.85 -5.50 8.69
CA ILE A 140 17.62 -6.05 9.76
C ILE A 140 17.21 -7.52 9.81
N THR A 141 18.17 -8.39 10.12
CA THR A 141 17.86 -9.82 10.23
C THR A 141 18.42 -10.31 11.55
N ASP A 142 17.73 -11.26 12.19
CA ASP A 142 18.40 -12.07 13.22
C ASP A 142 19.11 -13.30 12.62
N ASN A 143 19.20 -13.45 11.29
CA ASN A 143 19.75 -14.64 10.62
C ASN A 143 19.06 -15.94 11.05
N ALA A 144 17.79 -15.90 11.46
CA ALA A 144 17.00 -17.06 11.84
C ALA A 144 15.60 -16.93 11.27
N GLY A 145 15.41 -16.09 10.27
CA GLY A 145 14.15 -15.89 9.58
C GLY A 145 13.30 -14.73 10.10
N ASN A 146 13.87 -13.90 11.01
CA ASN A 146 13.07 -12.77 11.57
C ASN A 146 13.72 -11.45 11.23
N HIS A 147 12.91 -10.40 11.12
CA HIS A 147 13.29 -9.15 10.53
C HIS A 147 12.61 -7.97 11.21
N ILE A 148 13.24 -6.84 11.06
CA ILE A 148 12.70 -5.53 11.16
C ILE A 148 12.80 -4.98 9.77
N GLY A 149 11.73 -4.30 9.33
CA GLY A 149 11.74 -3.73 8.01
C GLY A 149 10.70 -2.64 7.86
N VAL A 150 10.51 -2.23 6.65
CA VAL A 150 9.65 -1.13 6.33
C VAL A 150 8.41 -1.70 5.61
N ASP A 151 7.23 -1.26 6.04
CA ASP A 151 5.94 -1.76 5.59
C ASP A 151 5.40 -0.80 4.53
N LEU A 152 5.43 -1.20 3.26
CA LEU A 152 4.94 -0.37 2.19
C LEU A 152 3.48 -0.69 1.84
N ALA A 153 2.71 -1.45 2.64
CA ALA A 153 1.29 -1.74 2.39
C ALA A 153 0.57 -1.85 3.74
N PRO A 154 0.49 -0.74 4.53
CA PRO A 154 -0.08 -0.76 5.87
C PRO A 154 -1.53 -1.22 5.93
N GLY A 155 -1.93 -1.80 7.08
CA GLY A 155 -3.31 -1.96 7.45
C GLY A 155 -4.05 -0.61 7.55
N PRO A 156 -5.37 -0.64 7.68
CA PRO A 156 -6.13 0.62 7.69
C PRO A 156 -5.75 1.64 8.77
N ASN A 157 -5.21 1.22 9.91
CA ASN A 157 -4.82 2.12 10.99
C ASN A 157 -3.30 2.29 10.98
N GLY A 158 -2.59 1.84 9.96
CA GLY A 158 -1.14 1.95 9.96
C GLY A 158 -0.73 3.13 9.11
N LYS A 159 0.54 3.23 8.91
CA LYS A 159 1.11 4.34 8.18
C LYS A 159 2.11 3.80 7.15
N TYR A 160 2.10 4.39 5.96
CA TYR A 160 3.00 3.98 4.88
C TYR A 160 4.44 4.10 5.38
N ALA A 161 5.27 3.05 5.24
CA ALA A 161 6.70 3.10 5.59
C ALA A 161 7.00 3.14 7.07
N GLN A 162 5.95 2.78 7.87
CA GLN A 162 6.12 2.36 9.24
C GLN A 162 7.12 1.22 9.32
N ILE A 163 7.74 1.08 10.48
CA ILE A 163 8.74 0.05 10.71
C ILE A 163 8.08 -1.01 11.53
N ILE A 164 8.22 -2.23 11.02
CA ILE A 164 7.57 -3.39 11.59
C ILE A 164 8.55 -4.53 11.82
N THR A 165 8.14 -5.46 12.69
CA THR A 165 8.73 -6.80 12.84
C THR A 165 7.91 -7.81 12.08
N PHE A 166 8.61 -8.74 11.45
CA PHE A 166 7.90 -9.82 10.77
C PHE A 166 8.88 -10.98 10.53
N GLY A 167 8.32 -12.13 10.16
CA GLY A 167 9.07 -13.27 9.68
C GLY A 167 8.70 -14.55 10.41
N ARG A 168 9.56 -15.57 10.30
CA ARG A 168 9.26 -16.94 10.79
C ARG A 168 8.50 -17.02 12.11
N ASP A 169 9.00 -16.40 13.17
CA ASP A 169 8.36 -16.61 14.49
C ASP A 169 7.57 -15.41 14.97
N PHE A 170 7.18 -14.50 14.08
CA PHE A 170 6.36 -13.33 14.40
C PHE A 170 4.97 -13.45 13.81
N ASP A 171 4.20 -14.38 14.39
CA ASP A 171 2.76 -14.45 14.24
C ASP A 171 2.13 -13.08 14.47
N THR A 172 2.57 -12.37 15.53
CA THR A 172 2.13 -11.01 15.85
C THR A 172 3.15 -10.05 15.27
N LYS A 173 2.73 -9.23 14.28
CA LYS A 173 3.56 -8.15 13.77
C LYS A 173 3.41 -6.94 14.71
N PHE A 174 4.50 -6.19 14.92
CA PHE A 174 4.52 -5.03 15.79
C PHE A 174 4.96 -3.85 14.94
N VAL A 175 4.26 -2.69 15.01
CA VAL A 175 4.76 -1.41 14.52
C VAL A 175 5.70 -0.90 15.61
N ILE A 176 6.99 -0.85 15.28
CA ILE A 176 7.95 -0.36 16.27
C ILE A 176 8.34 1.11 16.09
N ALA A 177 8.22 1.74 14.92
CA ALA A 177 8.51 3.16 14.78
C ALA A 177 7.68 3.63 13.57
N GLU A 178 7.49 4.93 13.48
CA GLU A 178 6.70 5.57 12.44
C GLU A 178 7.49 5.67 11.14
N ASN A 179 8.84 5.74 11.27
CA ASN A 179 9.73 5.69 10.09
C ASN A 179 11.13 5.20 10.50
N TRP A 180 11.97 4.95 9.48
CA TRP A 180 13.23 4.31 9.68
C TRP A 180 14.17 5.20 10.50
N GLY A 181 14.11 6.52 10.30
CA GLY A 181 14.94 7.47 11.01
C GLY A 181 14.61 7.45 12.48
N GLU A 182 13.34 7.40 12.84
CA GLU A 182 12.93 7.32 14.27
C GLU A 182 13.42 6.01 14.87
N PHE A 183 13.34 4.91 14.13
CA PHE A 183 13.82 3.64 14.56
C PHE A 183 15.32 3.75 14.93
N LEU A 184 16.14 4.32 14.05
CA LEU A 184 17.57 4.36 14.20
C LEU A 184 17.92 5.27 15.34
N LEU A 185 17.17 6.39 15.46
CA LEU A 185 17.44 7.33 16.52
C LEU A 185 17.06 6.72 17.86
N SER A 186 16.00 5.92 17.99
CA SER A 186 15.69 5.30 19.28
C SER A 186 16.77 4.24 19.65
N PHE A 187 17.33 3.52 18.65
CA PHE A 187 18.46 2.60 18.91
C PHE A 187 19.69 3.42 19.36
N ALA A 188 19.95 4.55 18.72
CA ALA A 188 21.10 5.37 19.08
C ALA A 188 20.99 5.93 20.47
N ASN A 189 19.79 6.31 20.90
CA ASN A 189 19.56 6.75 22.28
C ASN A 189 19.66 5.59 23.30
N ASP A 190 19.26 4.33 22.99
CA ASP A 190 19.61 3.17 23.83
C ASP A 190 21.11 3.10 24.12
N LEU A 191 21.96 3.21 23.09
CA LEU A 191 23.37 3.25 23.28
C LEU A 191 23.77 4.35 24.22
N GLU A 192 23.25 5.55 23.93
CA GLU A 192 23.65 6.76 24.70
C GLU A 192 23.08 6.72 26.11
N ALA A 193 21.95 6.04 26.32
CA ALA A 193 21.49 5.97 27.71
C ALA A 193 22.30 4.95 28.57
N GLY A 194 23.24 4.19 27.96
CA GLY A 194 24.04 3.22 28.67
C GLY A 194 23.33 1.85 28.70
N ASN A 195 22.35 1.62 27.83
CA ASN A 195 21.56 0.41 27.83
C ASN A 195 22.31 -0.64 27.03
N TRP A 196 23.50 -1.00 27.49
CA TRP A 196 24.28 -1.97 26.73
C TRP A 196 25.26 -2.71 27.66
N TYR A 197 25.83 -3.82 27.17
CA TYR A 197 26.76 -4.68 27.91
C TYR A 197 27.61 -5.38 26.84
N LEU A 198 28.93 -5.43 26.98
CA LEU A 198 29.80 -6.21 26.12
C LEU A 198 30.17 -7.49 26.87
N VAL A 199 29.77 -8.69 26.39
CA VAL A 199 29.77 -9.87 27.22
C VAL A 199 31.21 -10.35 27.47
N ASP A 209 36.47 -7.19 21.87
CA ASP A 209 35.41 -6.34 22.48
C ASP A 209 34.35 -7.22 23.18
N GLY A 210 33.78 -8.20 22.46
CA GLY A 210 32.71 -9.09 22.92
C GLY A 210 31.43 -8.74 22.18
N GLU A 211 30.35 -9.53 22.40
CA GLU A 211 29.05 -9.29 21.76
C GLU A 211 28.31 -8.19 22.56
N LEU A 212 27.62 -7.32 21.81
CA LEU A 212 26.80 -6.23 22.32
C LEU A 212 25.39 -6.75 22.62
N VAL A 213 24.98 -6.70 23.90
CA VAL A 213 23.63 -7.07 24.34
C VAL A 213 22.97 -5.89 25.06
N PHE A 214 21.66 -6.01 25.17
CA PHE A 214 20.90 -4.90 25.74
C PHE A 214 20.50 -5.18 27.17
N ARG A 215 20.62 -4.13 27.98
CA ARG A 215 20.19 -4.19 29.39
C ARG A 215 19.66 -2.80 29.72
N ASP A 216 18.62 -2.71 30.54
CA ASP A 216 18.08 -1.45 30.96
C ASP A 216 18.96 -0.98 32.11
N LYS A 217 19.76 0.05 31.86
CA LYS A 217 20.69 0.58 32.83
C LYS A 217 20.00 1.21 34.01
N LYS A 218 19.04 2.12 33.79
CA LYS A 218 18.29 2.77 34.87
C LYS A 218 17.80 1.72 35.90
N SER A 219 17.17 0.59 35.48
CA SER A 219 16.63 -0.44 36.37
C SER A 219 17.64 -1.52 36.83
N ASN A 220 18.94 -1.37 36.53
CA ASN A 220 20.00 -2.36 36.73
C ASN A 220 19.56 -3.70 36.10
N GLY A 221 18.87 -3.62 34.95
CA GLY A 221 17.92 -4.64 34.52
C GLY A 221 18.66 -5.86 34.02
N PRO A 222 17.95 -7.00 33.89
CA PRO A 222 18.58 -8.20 33.30
C PRO A 222 18.84 -7.98 31.81
N ILE A 223 19.79 -8.74 31.29
CA ILE A 223 20.03 -8.77 29.87
C ILE A 223 18.72 -9.18 29.17
N GLN A 224 18.42 -8.56 28.02
CA GLN A 224 17.25 -8.95 27.22
C GLN A 224 17.52 -8.92 25.72
N ASP A 225 16.78 -9.78 25.06
CA ASP A 225 16.70 -9.81 23.62
C ASP A 225 16.05 -8.51 23.13
N TYR A 226 16.69 -7.78 22.22
CA TYR A 226 16.21 -6.47 21.85
C TYR A 226 14.87 -6.48 21.09
N PHE A 227 14.53 -7.53 20.35
CA PHE A 227 13.18 -7.68 19.81
C PHE A 227 12.15 -7.74 20.92
N GLU A 228 12.40 -8.41 22.05
CA GLU A 228 11.45 -8.40 23.15
C GLU A 228 11.33 -6.97 23.70
N VAL A 229 12.44 -6.24 23.75
CA VAL A 229 12.41 -4.88 24.28
C VAL A 229 11.58 -4.02 23.32
N LEU A 230 11.77 -4.17 21.99
CA LEU A 230 11.03 -3.36 21.03
C LEU A 230 9.55 -3.64 21.11
N LYS A 231 9.21 -4.91 21.18
CA LYS A 231 7.84 -5.31 21.29
C LYS A 231 7.15 -4.80 22.56
N ARG A 232 7.81 -4.91 23.71
CA ARG A 232 7.21 -4.41 24.93
C ARG A 232 7.00 -2.88 24.85
N ARG A 233 7.94 -2.16 24.26
CA ARG A 233 7.79 -0.69 24.12
C ARG A 233 6.57 -0.37 23.24
N THR A 234 6.41 -1.05 22.11
CA THR A 234 5.25 -0.79 21.23
C THR A 234 3.96 -1.09 22.00
N TRP A 235 3.94 -2.17 22.77
CA TRP A 235 2.77 -2.60 23.49
C TRP A 235 2.38 -1.57 24.57
N ILE A 236 3.35 -1.16 25.36
CA ILE A 236 3.12 -0.21 26.45
C ILE A 236 2.60 1.11 25.86
N LYS A 237 3.27 1.62 24.85
CA LYS A 237 2.79 2.81 24.19
C LYS A 237 1.38 2.73 23.64
N TYR A 238 1.03 1.62 22.95
CA TYR A 238 -0.36 1.39 22.54
C TYR A 238 -1.35 1.49 23.73
N GLN A 239 -1.03 0.79 24.86
N GLN A 239 -1.04 0.81 24.85
CA GLN A 239 -1.88 0.73 26.05
CA GLN A 239 -1.97 0.80 26.00
C GLN A 239 -2.06 2.13 26.65
C GLN A 239 -2.08 2.17 26.64
N LEU A 240 -0.97 2.92 26.71
CA LEU A 240 -1.01 4.25 27.34
C LEU A 240 -1.78 5.33 26.53
N GLU A 241 -1.96 5.14 25.20
CA GLU A 241 -2.77 5.99 24.33
C GLU A 241 -4.26 5.65 24.31
N ARG A 242 -4.56 4.44 24.76
CA ARG A 242 -5.96 3.95 24.77
C ARG A 242 -6.91 4.92 25.49
N PRO A 243 -6.62 5.51 26.67
CA PRO A 243 -7.59 6.45 27.21
C PRO A 243 -8.03 7.68 26.36
N HIS A 244 -7.26 8.14 25.33
CA HIS A 244 -7.60 9.28 24.44
C HIS A 244 -8.58 8.83 23.33
N ARG A 245 -9.84 9.32 23.35
CA ARG A 245 -11.01 8.86 22.59
C ARG A 245 -11.36 9.91 21.51
N ASN B 12 4.00 3.61 -15.67
CA ASN B 12 3.52 3.62 -17.08
C ASN B 12 2.49 2.51 -17.40
N ASP B 13 2.29 1.53 -16.50
CA ASP B 13 1.41 0.38 -16.83
C ASP B 13 -0.05 0.81 -16.84
N GLY B 14 -0.77 0.48 -17.91
CA GLY B 14 -2.14 0.91 -18.12
C GLY B 14 -2.26 2.28 -18.80
N VAL B 15 -1.16 3.09 -18.90
CA VAL B 15 -1.24 4.45 -19.42
C VAL B 15 -1.72 4.41 -20.88
N SER B 16 -1.03 3.65 -21.76
N SER B 16 -1.03 3.62 -21.74
CA SER B 16 -1.44 3.47 -23.16
CA SER B 16 -1.41 3.44 -23.14
C SER B 16 -2.89 3.00 -23.29
C SER B 16 -2.86 2.99 -23.30
N GLU B 17 -3.29 2.04 -22.45
CA GLU B 17 -4.62 1.47 -22.52
C GLU B 17 -5.66 2.52 -22.14
N THR B 18 -5.35 3.37 -21.15
CA THR B 18 -6.21 4.48 -20.74
C THR B 18 -6.46 5.44 -21.89
N LEU B 19 -5.36 5.85 -22.61
CA LEU B 19 -5.50 6.76 -23.76
C LEU B 19 -6.34 6.16 -24.86
N LEU B 20 -6.12 4.86 -25.14
CA LEU B 20 -6.81 4.16 -26.21
C LEU B 20 -8.30 3.98 -25.86
N ALA B 21 -8.57 3.60 -24.60
CA ALA B 21 -9.94 3.42 -24.14
C ALA B 21 -10.77 4.68 -24.25
N TRP B 22 -10.24 5.79 -23.74
CA TRP B 22 -10.90 7.09 -23.87
C TRP B 22 -11.12 7.49 -25.31
N ARG B 23 -10.21 7.16 -26.22
CA ARG B 23 -10.48 7.46 -27.64
C ARG B 23 -11.76 6.71 -28.05
N HIS B 24 -11.81 5.41 -27.76
CA HIS B 24 -12.96 4.58 -28.18
C HIS B 24 -14.26 4.96 -27.42
N ILE B 25 -14.18 5.31 -26.13
CA ILE B 25 -15.35 5.77 -25.39
C ILE B 25 -15.82 7.15 -25.88
N ASP B 26 -14.92 8.12 -26.13
CA ASP B 26 -15.31 9.45 -26.66
C ASP B 26 -16.03 9.27 -27.99
N PHE B 27 -15.45 8.45 -28.91
CA PHE B 27 -16.04 8.13 -30.20
C PHE B 27 -17.42 7.45 -30.01
N TRP B 28 -17.52 6.38 -29.20
CA TRP B 28 -18.75 5.64 -29.04
C TRP B 28 -19.86 6.56 -28.53
N THR B 29 -19.59 7.37 -27.49
CA THR B 29 -20.63 8.22 -26.90
C THR B 29 -21.07 9.29 -27.85
N SER B 30 -20.15 9.89 -28.62
CA SER B 30 -20.54 10.94 -29.56
C SER B 30 -21.46 10.41 -30.66
N GLU B 31 -21.30 9.14 -31.09
CA GLU B 31 -22.16 8.47 -32.06
C GLU B 31 -23.49 8.01 -31.48
N HIS B 32 -23.46 7.34 -30.33
CA HIS B 32 -24.61 6.61 -29.82
C HIS B 32 -25.36 7.40 -28.76
N ASN B 33 -24.71 8.30 -28.00
CA ASN B 33 -25.40 9.00 -26.91
C ASN B 33 -24.78 10.39 -26.68
N PRO B 34 -25.09 11.39 -27.54
CA PRO B 34 -24.44 12.71 -27.46
C PRO B 34 -24.64 13.44 -26.13
N ASP B 35 -25.75 13.19 -25.42
CA ASP B 35 -26.06 13.80 -24.13
C ASP B 35 -25.11 13.24 -23.05
N LEU B 36 -24.87 11.94 -23.05
CA LEU B 36 -23.88 11.33 -22.17
C LEU B 36 -22.45 11.83 -22.47
N ASN B 37 -22.11 11.90 -23.77
CA ASN B 37 -20.86 12.49 -24.19
C ASN B 37 -20.70 13.91 -23.62
N ALA B 38 -21.77 14.75 -23.64
CA ALA B 38 -21.69 16.13 -23.14
C ALA B 38 -21.43 16.19 -21.63
N THR B 39 -21.73 15.15 -20.84
CA THR B 39 -21.46 15.16 -19.40
C THR B 39 -19.98 14.96 -19.05
N LEU B 40 -19.09 14.63 -20.01
CA LEU B 40 -17.69 14.34 -19.71
C LEU B 40 -16.95 15.66 -19.60
N SER B 41 -16.37 15.94 -18.45
CA SER B 41 -15.77 17.24 -18.23
C SER B 41 -14.47 17.38 -19.02
N ASP B 42 -14.02 18.60 -19.09
CA ASP B 42 -12.71 18.90 -19.63
C ASP B 42 -11.64 18.31 -18.73
N PRO B 43 -10.40 18.14 -19.27
CA PRO B 43 -9.26 17.71 -18.43
C PRO B 43 -9.07 18.47 -17.12
N CYS B 44 -8.54 17.81 -16.09
CA CYS B 44 -7.87 18.49 -14.98
C CYS B 44 -6.54 19.11 -15.43
N THR B 45 -6.13 20.21 -14.80
CA THR B 45 -4.74 20.65 -14.95
C THR B 45 -3.83 19.85 -14.02
N GLN B 46 -2.52 19.95 -14.25
CA GLN B 46 -1.55 19.40 -13.32
C GLN B 46 -1.70 20.05 -11.94
N ASN B 47 -2.02 21.34 -11.90
CA ASN B 47 -2.32 22.05 -10.66
C ASN B 47 -3.40 21.34 -9.86
N ASP B 48 -4.55 21.04 -10.49
CA ASP B 48 -5.68 20.38 -9.83
C ASP B 48 -5.22 19.09 -9.16
N ILE B 49 -4.43 18.29 -9.90
CA ILE B 49 -3.96 16.98 -9.48
C ILE B 49 -2.96 17.09 -8.34
N THR B 50 -2.01 18.01 -8.40
CA THR B 50 -1.06 18.18 -7.33
C THR B 50 -1.77 18.56 -6.02
N HIS B 51 -2.73 19.49 -6.10
CA HIS B 51 -3.49 19.93 -4.94
C HIS B 51 -4.25 18.76 -4.31
N ALA B 52 -4.85 17.88 -5.12
CA ALA B 52 -5.53 16.69 -4.60
C ALA B 52 -4.54 15.65 -4.05
N GLU B 53 -3.42 15.40 -4.76
CA GLU B 53 -2.32 14.59 -4.23
C GLU B 53 -1.85 15.10 -2.86
N GLU B 54 -1.61 16.40 -2.71
CA GLU B 54 -1.22 16.93 -1.40
C GLU B 54 -2.35 16.83 -0.37
N ASP B 55 -3.64 16.95 -0.71
CA ASP B 55 -4.73 16.91 0.28
C ASP B 55 -4.91 15.52 0.84
N LEU B 56 -4.82 14.54 -0.02
CA LEU B 56 -4.96 13.15 0.37
C LEU B 56 -3.66 12.49 0.78
N GLU B 57 -2.49 13.13 0.55
CA GLU B 57 -1.16 12.57 0.70
C GLU B 57 -0.99 11.25 -0.02
N VAL B 58 -1.35 11.19 -1.31
CA VAL B 58 -1.18 10.01 -2.16
C VAL B 58 -0.55 10.49 -3.46
N SER B 59 0.12 9.55 -4.17
CA SER B 59 0.41 9.67 -5.61
C SER B 59 -0.68 8.92 -6.35
N PHE B 60 -1.35 9.58 -7.31
CA PHE B 60 -2.24 8.90 -8.21
C PHE B 60 -1.34 8.02 -9.08
N PRO B 61 -1.66 6.72 -9.32
CA PRO B 61 -0.90 5.92 -10.27
C PRO B 61 -0.95 6.55 -11.66
N ASN B 62 0.03 6.26 -12.47
CA ASN B 62 0.10 6.86 -13.79
C ASN B 62 -1.17 6.73 -14.65
N PRO B 63 -1.87 5.57 -14.82
CA PRO B 63 -3.04 5.53 -15.69
C PRO B 63 -4.22 6.36 -15.22
N VAL B 64 -4.34 6.56 -13.91
CA VAL B 64 -5.39 7.37 -13.33
C VAL B 64 -5.16 8.86 -13.58
N LYS B 65 -3.93 9.31 -13.38
CA LYS B 65 -3.54 10.65 -13.75
C LYS B 65 -3.82 10.88 -15.23
N ALA B 66 -3.44 9.95 -16.12
CA ALA B 66 -3.68 10.15 -17.55
C ALA B 66 -5.20 10.22 -17.83
N SER B 67 -6.01 9.44 -17.12
CA SER B 67 -7.46 9.55 -17.21
C SER B 67 -7.98 10.96 -16.81
N PHE B 68 -7.56 11.48 -15.65
CA PHE B 68 -7.97 12.81 -15.20
C PHE B 68 -7.51 13.90 -16.15
N LYS B 69 -6.39 13.72 -16.87
CA LYS B 69 -5.98 14.65 -17.89
C LYS B 69 -6.77 14.52 -19.19
N ILE B 70 -7.72 13.59 -19.32
CA ILE B 70 -8.60 13.54 -20.48
C ILE B 70 -9.99 14.06 -20.06
N HIS B 71 -10.54 13.54 -18.94
CA HIS B 71 -11.80 14.02 -18.40
C HIS B 71 -11.76 14.12 -16.86
N ASP B 72 -11.96 15.31 -16.26
CA ASP B 72 -12.23 15.43 -14.82
C ASP B 72 -13.63 14.89 -14.42
N GLY B 73 -13.85 13.59 -14.58
CA GLY B 73 -15.16 13.01 -14.28
C GLY B 73 -16.29 13.46 -15.22
N GLN B 74 -17.51 13.36 -14.65
CA GLN B 74 -18.79 13.66 -15.26
C GLN B 74 -19.54 14.69 -14.42
N GLU B 75 -20.17 15.66 -15.09
CA GLU B 75 -21.10 16.61 -14.50
C GLU B 75 -22.30 16.73 -15.44
N ASP B 76 -23.51 16.42 -14.95
CA ASP B 76 -24.76 16.70 -15.63
C ASP B 76 -25.43 17.76 -14.79
N LEU B 77 -25.59 18.98 -15.33
CA LEU B 77 -26.43 19.99 -14.69
C LEU B 77 -27.86 20.03 -15.28
N GLU B 78 -28.36 18.99 -16.04
CA GLU B 78 -29.72 18.93 -16.61
C GLU B 78 -30.72 18.16 -15.71
N SER B 79 -30.38 16.98 -15.10
CA SER B 79 -31.32 16.03 -14.46
C SER B 79 -32.00 16.52 -13.15
N MET B 80 -33.06 17.40 -13.22
CA MET B 80 -33.47 18.43 -12.23
C MET B 80 -33.96 17.83 -10.90
N THR B 83 -27.81 13.00 -13.82
CA THR B 83 -26.57 12.38 -14.39
C THR B 83 -26.83 10.91 -14.72
N SER B 84 -26.90 10.60 -16.01
CA SER B 84 -26.61 9.25 -16.42
C SER B 84 -25.13 8.96 -16.18
N GLY B 85 -24.85 7.98 -15.35
CA GLY B 85 -23.47 7.56 -15.17
C GLY B 85 -22.96 6.86 -16.44
N LEU B 86 -21.74 7.15 -16.82
CA LEU B 86 -21.13 6.59 -18.01
C LEU B 86 -21.01 5.08 -17.92
N PHE B 87 -20.68 4.54 -16.74
CA PHE B 87 -20.30 3.14 -16.64
C PHE B 87 -21.58 2.38 -16.38
N TYR B 88 -22.48 2.33 -17.40
CA TYR B 88 -23.72 1.58 -17.26
C TYR B 88 -24.55 2.04 -16.06
N GLY B 89 -24.70 3.36 -15.91
CA GLY B 89 -25.35 3.93 -14.74
C GLY B 89 -24.39 4.44 -13.64
N PHE B 90 -23.15 4.02 -13.55
CA PHE B 90 -22.28 4.46 -12.47
C PHE B 90 -21.53 5.66 -12.97
N GLN B 91 -21.41 6.66 -12.08
CA GLN B 91 -20.90 7.96 -12.44
C GLN B 91 -19.39 7.97 -12.22
N LEU B 92 -18.66 8.50 -13.22
CA LEU B 92 -17.25 8.80 -13.08
C LEU B 92 -17.14 10.08 -12.24
N MET B 93 -16.41 10.00 -11.12
CA MET B 93 -16.31 11.03 -10.12
C MET B 93 -15.32 12.11 -10.58
N THR B 94 -15.66 13.40 -10.32
CA THR B 94 -14.73 14.51 -10.51
C THR B 94 -13.62 14.38 -9.46
N LEU B 95 -12.50 15.06 -9.70
CA LEU B 95 -11.35 15.01 -8.80
C LEU B 95 -11.76 15.52 -7.42
N ASP B 96 -12.55 16.61 -7.44
CA ASP B 96 -13.15 17.17 -6.23
C ASP B 96 -13.94 16.13 -5.43
N GLN B 97 -14.79 15.33 -6.11
CA GLN B 97 -15.55 14.27 -5.46
C GLN B 97 -14.64 13.14 -4.96
N VAL B 98 -13.60 12.79 -5.72
CA VAL B 98 -12.64 11.76 -5.24
C VAL B 98 -11.98 12.22 -3.92
N VAL B 99 -11.62 13.49 -3.78
CA VAL B 99 -10.99 14.02 -2.58
C VAL B 99 -12.01 13.98 -1.43
N ALA B 100 -13.14 14.61 -1.63
CA ALA B 100 -14.14 14.68 -0.58
C ALA B 100 -14.58 13.26 -0.18
N MET B 101 -14.68 12.33 -1.14
CA MET B 101 -15.19 11.02 -0.77
C MET B 101 -14.13 10.17 -0.06
N THR B 102 -12.87 10.27 -0.55
CA THR B 102 -11.71 9.67 0.11
C THR B 102 -11.62 10.17 1.56
N GLN B 103 -11.74 11.50 1.74
CA GLN B 103 -11.71 12.10 3.06
C GLN B 103 -12.85 11.55 3.93
N ALA B 104 -14.07 11.43 3.40
CA ALA B 104 -15.20 10.97 4.22
C ALA B 104 -14.99 9.49 4.63
N TRP B 105 -14.49 8.64 3.73
CA TRP B 105 -14.24 7.24 4.12
C TRP B 105 -13.17 7.16 5.21
N ARG B 106 -12.10 7.96 5.06
CA ARG B 106 -11.03 8.04 6.05
C ARG B 106 -11.55 8.45 7.42
N ASN B 107 -12.53 9.36 7.50
CA ASN B 107 -12.99 9.87 8.80
C ASN B 107 -13.81 8.85 9.57
N VAL B 108 -14.43 7.87 8.89
CA VAL B 108 -15.24 6.90 9.61
C VAL B 108 -14.70 5.47 9.40
N ALA B 109 -13.51 5.30 8.78
CA ALA B 109 -12.87 3.99 8.61
C ALA B 109 -12.78 3.20 9.93
N LYS B 110 -12.26 3.81 11.00
CA LYS B 110 -11.94 3.04 12.21
C LYS B 110 -13.23 2.43 12.84
N ASN B 111 -14.31 3.21 12.82
CA ASN B 111 -15.59 2.89 13.48
C ASN B 111 -16.35 1.81 12.68
N LEU B 112 -16.33 1.86 11.33
CA LEU B 112 -16.91 0.85 10.43
C LEU B 112 -16.17 -0.50 10.45
N ASN B 113 -14.83 -0.49 10.49
CA ASN B 113 -14.00 -1.69 10.66
C ASN B 113 -14.32 -2.43 11.97
N LYS B 114 -14.52 -1.77 13.15
CA LYS B 114 -15.05 -2.47 14.33
C LYS B 114 -16.44 -3.07 14.05
N ARG B 115 -17.33 -2.26 13.49
CA ARG B 115 -18.73 -2.72 13.30
C ARG B 115 -18.92 -3.22 11.87
N SER B 116 -18.38 -4.38 11.57
CA SER B 116 -18.47 -4.92 10.18
C SER B 116 -18.51 -6.43 10.24
N PRO B 117 -19.25 -7.10 9.33
CA PRO B 117 -19.23 -8.55 9.27
C PRO B 117 -17.87 -9.01 8.73
N ASP B 118 -17.79 -10.26 8.30
CA ASP B 118 -16.51 -10.79 7.76
C ASP B 118 -16.26 -10.15 6.40
N GLN B 119 -15.26 -9.28 6.33
CA GLN B 119 -14.90 -8.67 5.02
C GLN B 119 -14.09 -9.71 4.27
N LYS B 120 -14.27 -9.79 2.95
CA LYS B 120 -13.57 -10.86 2.18
C LYS B 120 -13.01 -10.30 0.87
N SER B 121 -12.33 -11.15 0.11
CA SER B 121 -11.65 -10.76 -1.08
C SER B 121 -11.83 -11.87 -2.11
N ILE B 122 -12.12 -11.55 -3.37
CA ILE B 122 -11.94 -12.47 -4.51
C ILE B 122 -11.05 -11.80 -5.56
N PRO B 123 -9.88 -12.32 -5.99
CA PRO B 123 -9.27 -13.52 -5.46
C PRO B 123 -8.94 -13.40 -3.98
N PRO B 124 -8.84 -14.52 -3.25
CA PRO B 124 -8.50 -14.53 -1.83
C PRO B 124 -7.17 -13.86 -1.61
N ASN B 125 -7.02 -13.06 -0.56
CA ASN B 125 -5.77 -12.42 -0.25
C ASN B 125 -5.34 -11.34 -1.25
N ALA B 126 -6.16 -10.94 -2.22
CA ALA B 126 -5.77 -9.86 -3.12
C ALA B 126 -6.09 -8.50 -2.49
N VAL B 127 -7.13 -8.42 -1.68
CA VAL B 127 -7.64 -7.15 -1.17
C VAL B 127 -7.72 -7.34 0.33
N GLN B 128 -7.32 -6.32 1.09
CA GLN B 128 -7.35 -6.41 2.54
C GLN B 128 -8.78 -6.73 3.01
N PRO B 129 -8.92 -7.69 3.93
CA PRO B 129 -10.24 -8.06 4.47
C PRO B 129 -10.75 -7.05 5.51
N VAL B 130 -11.06 -5.83 5.08
CA VAL B 130 -11.55 -4.73 5.92
C VAL B 130 -12.65 -4.03 5.11
N TYR B 131 -13.46 -3.23 5.80
CA TYR B 131 -14.62 -2.57 5.24
C TYR B 131 -14.18 -1.30 4.51
N ALA B 132 -13.14 -0.65 5.11
CA ALA B 132 -12.62 0.61 4.60
C ALA B 132 -11.12 0.71 4.87
N HIS B 133 -10.42 1.35 3.92
CA HIS B 133 -8.98 1.52 3.94
C HIS B 133 -8.70 2.94 3.47
N PRO B 134 -7.94 3.79 4.19
CA PRO B 134 -7.55 5.11 3.68
C PRO B 134 -6.89 5.18 2.29
N ALA B 135 -6.31 4.10 1.79
CA ALA B 135 -5.61 4.05 0.50
C ALA B 135 -6.46 3.41 -0.60
N TRP B 136 -7.76 3.14 -0.35
CA TRP B 136 -8.74 2.86 -1.42
C TRP B 136 -9.32 4.17 -1.92
N ILE B 137 -8.97 4.50 -3.17
CA ILE B 137 -9.35 5.78 -3.74
C ILE B 137 -10.56 5.54 -4.62
N PRO B 138 -11.78 6.01 -4.27
CA PRO B 138 -12.95 5.75 -5.12
C PRO B 138 -12.86 6.60 -6.38
N LEU B 139 -13.15 6.04 -7.57
CA LEU B 139 -13.17 6.78 -8.84
C LEU B 139 -14.52 6.77 -9.55
N ILE B 140 -15.40 5.83 -9.16
CA ILE B 140 -16.70 5.65 -9.73
C ILE B 140 -17.61 5.43 -8.54
N THR B 141 -18.79 6.03 -8.59
CA THR B 141 -19.78 5.88 -7.55
C THR B 141 -21.09 5.43 -8.22
N ASP B 142 -21.84 4.59 -7.52
CA ASP B 142 -23.22 4.31 -7.87
C ASP B 142 -24.16 5.28 -7.15
N ASN B 143 -23.66 6.31 -6.42
CA ASN B 143 -24.47 7.24 -5.62
C ASN B 143 -25.38 6.51 -4.63
N ALA B 144 -24.93 5.35 -4.11
CA ALA B 144 -25.69 4.52 -3.16
C ALA B 144 -24.73 3.78 -2.23
N GLY B 145 -23.55 4.37 -1.96
CA GLY B 145 -22.52 3.85 -1.04
C GLY B 145 -21.49 2.87 -1.63
N ASN B 146 -21.56 2.57 -2.95
CA ASN B 146 -20.64 1.64 -3.58
C ASN B 146 -19.75 2.35 -4.59
N HIS B 147 -18.60 1.73 -4.83
CA HIS B 147 -17.54 2.35 -5.59
C HIS B 147 -16.72 1.32 -6.34
N ILE B 148 -16.13 1.84 -7.38
CA ILE B 148 -14.99 1.17 -7.98
C ILE B 148 -13.84 2.12 -7.78
N GLY B 149 -12.65 1.57 -7.48
CA GLY B 149 -11.56 2.45 -7.21
C GLY B 149 -10.23 1.76 -7.28
N VAL B 150 -9.19 2.52 -6.93
CA VAL B 150 -7.86 2.00 -7.08
C VAL B 150 -7.32 1.71 -5.67
N ASP B 151 -6.74 0.53 -5.54
CA ASP B 151 -6.21 0.00 -4.28
C ASP B 151 -4.71 0.22 -4.18
N LEU B 152 -4.34 1.19 -3.34
CA LEU B 152 -2.96 1.52 -3.11
C LEU B 152 -2.35 0.77 -1.92
N ALA B 153 -2.98 -0.24 -1.33
CA ALA B 153 -2.40 -1.06 -0.25
C ALA B 153 -2.98 -2.49 -0.42
N PRO B 154 -2.56 -3.18 -1.49
CA PRO B 154 -3.09 -4.52 -1.79
C PRO B 154 -2.77 -5.56 -0.72
N GLY B 155 -3.62 -6.62 -0.69
CA GLY B 155 -3.30 -7.80 0.10
C GLY B 155 -2.08 -8.51 -0.48
N PRO B 156 -1.57 -9.57 0.18
CA PRO B 156 -0.31 -10.16 -0.29
C PRO B 156 -0.34 -10.87 -1.65
N ASN B 157 -1.52 -11.20 -2.18
CA ASN B 157 -1.64 -11.80 -3.48
C ASN B 157 -2.22 -10.76 -4.42
N GLY B 158 -2.34 -9.47 -4.07
CA GLY B 158 -2.88 -8.54 -5.03
C GLY B 158 -1.74 -7.77 -5.69
N LYS B 159 -2.15 -6.73 -6.39
CA LYS B 159 -1.20 -5.88 -7.09
C LYS B 159 -1.45 -4.40 -6.78
N TYR B 160 -0.38 -3.60 -6.65
CA TYR B 160 -0.48 -2.18 -6.34
C TYR B 160 -1.27 -1.50 -7.44
N ALA B 161 -2.31 -0.75 -7.14
CA ALA B 161 -3.09 0.02 -8.11
C ALA B 161 -4.03 -0.84 -8.95
N GLN B 162 -4.23 -2.10 -8.53
CA GLN B 162 -5.37 -2.90 -8.95
C GLN B 162 -6.68 -2.13 -8.73
N ILE B 163 -7.67 -2.50 -9.54
CA ILE B 163 -8.99 -1.89 -9.46
C ILE B 163 -9.91 -2.81 -8.69
N ILE B 164 -10.59 -2.26 -7.67
CA ILE B 164 -11.46 -3.03 -6.82
C ILE B 164 -12.84 -2.41 -6.67
N THR B 165 -13.76 -3.22 -6.16
CA THR B 165 -15.05 -2.77 -5.65
C THR B 165 -14.99 -2.68 -4.12
N PHE B 166 -15.68 -1.67 -3.60
CA PHE B 166 -15.84 -1.56 -2.14
C PHE B 166 -16.94 -0.61 -1.81
N GLY B 167 -17.35 -0.63 -0.53
CA GLY B 167 -18.57 0.01 -0.07
C GLY B 167 -19.60 -0.97 0.53
N ARG B 168 -20.86 -0.49 0.56
CA ARG B 168 -21.97 -1.04 1.33
C ARG B 168 -22.38 -2.48 0.96
N ASP B 169 -22.41 -2.85 -0.32
CA ASP B 169 -22.73 -4.20 -0.77
C ASP B 169 -21.47 -5.05 -1.02
N PHE B 170 -20.35 -4.61 -0.46
CA PHE B 170 -19.09 -5.31 -0.82
C PHE B 170 -18.38 -5.85 0.42
N ASP B 171 -19.06 -6.65 1.23
CA ASP B 171 -18.35 -7.33 2.33
C ASP B 171 -17.34 -8.21 1.60
N THR B 172 -17.69 -8.63 0.39
CA THR B 172 -16.71 -9.38 -0.44
C THR B 172 -16.20 -8.43 -1.53
N LYS B 173 -14.99 -7.93 -1.38
CA LYS B 173 -14.32 -7.08 -2.38
C LYS B 173 -13.84 -7.94 -3.56
N PHE B 174 -13.93 -7.37 -4.78
CA PHE B 174 -13.52 -8.05 -6.01
C PHE B 174 -12.43 -7.20 -6.68
N VAL B 175 -11.36 -7.86 -7.11
CA VAL B 175 -10.39 -7.26 -8.03
C VAL B 175 -10.95 -7.33 -9.44
N ILE B 176 -11.39 -6.19 -9.97
CA ILE B 176 -11.97 -6.21 -11.32
C ILE B 176 -10.97 -5.95 -12.42
N ALA B 177 -9.78 -5.36 -12.21
CA ALA B 177 -8.85 -5.20 -13.32
C ALA B 177 -7.48 -5.01 -12.67
N GLU B 178 -6.46 -5.29 -13.45
CA GLU B 178 -5.07 -5.25 -13.03
C GLU B 178 -4.62 -3.79 -12.81
N ASN B 179 -5.20 -2.85 -13.61
CA ASN B 179 -4.97 -1.40 -13.54
C ASN B 179 -6.13 -0.65 -14.21
N TRP B 180 -6.15 0.67 -14.01
CA TRP B 180 -7.25 1.52 -14.43
C TRP B 180 -7.41 1.49 -15.95
N GLY B 181 -6.29 1.48 -16.69
CA GLY B 181 -6.34 1.41 -18.13
C GLY B 181 -7.02 0.13 -18.64
N GLU B 182 -6.69 -1.03 -18.04
CA GLU B 182 -7.35 -2.28 -18.39
C GLU B 182 -8.83 -2.27 -18.06
N PHE B 183 -9.21 -1.59 -16.97
CA PHE B 183 -10.60 -1.44 -16.62
C PHE B 183 -11.37 -0.66 -17.69
N LEU B 184 -10.80 0.47 -18.12
CA LEU B 184 -11.45 1.35 -19.07
C LEU B 184 -11.54 0.66 -20.44
N LEU B 185 -10.50 -0.09 -20.77
CA LEU B 185 -10.46 -0.80 -22.04
C LEU B 185 -11.49 -1.91 -22.08
N SER B 186 -11.67 -2.70 -21.00
CA SER B 186 -12.76 -3.70 -20.94
C SER B 186 -14.14 -3.03 -21.07
N PHE B 187 -14.36 -1.85 -20.43
CA PHE B 187 -15.58 -1.06 -20.65
C PHE B 187 -15.76 -0.67 -22.13
N ALA B 188 -14.70 -0.19 -22.80
CA ALA B 188 -14.75 0.19 -24.20
C ALA B 188 -15.09 -1.00 -25.13
N ASN B 189 -14.56 -2.19 -24.86
CA ASN B 189 -14.86 -3.43 -25.58
C ASN B 189 -16.34 -3.89 -25.47
N ASP B 190 -16.93 -3.76 -24.25
CA ASP B 190 -18.34 -3.96 -24.01
C ASP B 190 -19.20 -3.07 -24.90
N LEU B 191 -18.89 -1.77 -24.96
CA LEU B 191 -19.61 -0.86 -25.85
C LEU B 191 -19.50 -1.34 -27.29
N GLU B 192 -18.29 -1.68 -27.67
CA GLU B 192 -17.98 -2.03 -29.06
C GLU B 192 -18.66 -3.34 -29.39
N ALA B 193 -18.74 -4.28 -28.47
CA ALA B 193 -19.40 -5.56 -28.75
C ALA B 193 -20.92 -5.40 -28.83
N GLY B 194 -21.53 -4.25 -28.53
CA GLY B 194 -22.97 -4.06 -28.58
C GLY B 194 -23.67 -4.47 -27.26
N ASN B 195 -22.90 -4.50 -26.15
CA ASN B 195 -23.41 -5.02 -24.90
C ASN B 195 -24.15 -3.92 -24.17
N TRP B 196 -25.22 -3.43 -24.78
CA TRP B 196 -25.91 -2.31 -24.17
C TRP B 196 -27.32 -2.18 -24.74
N TYR B 197 -28.12 -1.45 -23.97
CA TYR B 197 -29.36 -0.82 -24.41
C TYR B 197 -29.36 0.62 -23.88
N LEU B 198 -30.02 1.52 -24.61
CA LEU B 198 -30.31 2.88 -24.19
C LEU B 198 -31.81 3.01 -23.93
N VAL B 199 -32.27 3.28 -22.70
CA VAL B 199 -33.69 3.24 -22.31
C VAL B 199 -34.26 4.66 -22.44
N ASP B 200 -35.24 4.91 -23.33
CA ASP B 200 -35.60 6.25 -23.85
C ASP B 200 -35.69 7.26 -22.71
N ASP B 209 -32.30 6.86 -27.22
CA ASP B 209 -31.41 7.70 -26.36
C ASP B 209 -32.08 7.93 -24.99
N GLY B 210 -31.27 7.83 -23.93
CA GLY B 210 -31.72 7.61 -22.56
C GLY B 210 -30.59 6.88 -21.80
N GLU B 211 -30.96 6.09 -20.79
CA GLU B 211 -29.96 5.48 -19.87
C GLU B 211 -29.22 4.30 -20.47
N LEU B 212 -27.93 4.23 -20.15
CA LEU B 212 -27.10 3.13 -20.63
C LEU B 212 -27.15 1.99 -19.63
N VAL B 213 -27.65 0.82 -20.08
CA VAL B 213 -27.70 -0.39 -19.26
C VAL B 213 -26.98 -1.51 -20.01
N PHE B 214 -26.58 -2.53 -19.24
CA PHE B 214 -25.76 -3.61 -19.72
C PHE B 214 -26.66 -4.75 -20.17
N ARG B 215 -26.23 -5.43 -21.23
CA ARG B 215 -26.89 -6.68 -21.69
C ARG B 215 -25.84 -7.42 -22.54
N ASP B 216 -25.75 -8.74 -22.45
CA ASP B 216 -24.76 -9.50 -23.20
C ASP B 216 -25.46 -9.81 -24.53
N LYS B 217 -24.99 -9.21 -25.61
CA LYS B 217 -25.71 -9.30 -26.86
C LYS B 217 -25.61 -10.68 -27.51
N LYS B 218 -24.38 -11.20 -27.64
CA LYS B 218 -24.07 -12.47 -28.30
C LYS B 218 -25.03 -13.54 -27.70
N SER B 219 -25.15 -13.58 -26.35
CA SER B 219 -25.95 -14.57 -25.65
C SER B 219 -27.47 -14.24 -25.58
N ASN B 220 -27.94 -13.09 -26.15
CA ASN B 220 -29.26 -12.56 -25.90
C ASN B 220 -29.50 -12.53 -24.40
N GLY B 221 -28.55 -11.93 -23.72
CA GLY B 221 -28.53 -11.89 -22.22
C GLY B 221 -29.58 -10.88 -21.73
N PRO B 222 -30.08 -11.03 -20.50
CA PRO B 222 -30.99 -9.99 -19.92
C PRO B 222 -30.22 -8.71 -19.56
N ILE B 223 -31.03 -7.68 -19.24
CA ILE B 223 -30.44 -6.49 -18.65
C ILE B 223 -29.86 -6.91 -17.31
N GLN B 224 -28.66 -6.40 -16.98
CA GLN B 224 -27.96 -6.78 -15.77
C GLN B 224 -27.23 -5.58 -15.18
N ASP B 225 -27.17 -5.62 -13.85
CA ASP B 225 -26.36 -4.69 -13.08
C ASP B 225 -24.89 -4.91 -13.45
N TYR B 226 -24.20 -3.85 -13.83
CA TYR B 226 -22.81 -3.96 -14.22
C TYR B 226 -21.85 -4.48 -13.10
N PHE B 227 -22.11 -4.19 -11.83
CA PHE B 227 -21.38 -4.80 -10.74
C PHE B 227 -21.57 -6.31 -10.72
N GLU B 228 -22.78 -6.83 -10.94
CA GLU B 228 -22.94 -8.27 -11.06
C GLU B 228 -22.09 -8.82 -12.21
N VAL B 229 -22.05 -8.09 -13.32
CA VAL B 229 -21.31 -8.59 -14.48
C VAL B 229 -19.81 -8.61 -14.11
N LEU B 230 -19.32 -7.54 -13.50
CA LEU B 230 -17.87 -7.49 -13.15
C LEU B 230 -17.49 -8.58 -12.16
N LYS B 231 -18.33 -8.82 -11.15
CA LYS B 231 -18.08 -9.86 -10.16
C LYS B 231 -18.03 -11.27 -10.76
N ARG B 232 -18.94 -11.57 -11.67
CA ARG B 232 -18.90 -12.90 -12.32
C ARG B 232 -17.61 -13.04 -13.13
N ARG B 233 -17.26 -12.02 -13.89
CA ARG B 233 -16.03 -12.08 -14.72
C ARG B 233 -14.82 -12.33 -13.82
N THR B 234 -14.69 -11.62 -12.70
CA THR B 234 -13.57 -11.82 -11.79
C THR B 234 -13.59 -13.27 -11.29
N TRP B 235 -14.76 -13.76 -10.91
CA TRP B 235 -14.90 -15.12 -10.38
C TRP B 235 -14.47 -16.18 -11.40
N ILE B 236 -14.94 -16.06 -12.64
CA ILE B 236 -14.60 -16.98 -13.71
C ILE B 236 -13.09 -16.95 -13.95
N LYS B 237 -12.53 -15.74 -14.10
CA LYS B 237 -11.08 -15.60 -14.26
C LYS B 237 -10.26 -16.21 -13.10
N TYR B 238 -10.70 -16.02 -11.84
CA TYR B 238 -10.11 -16.67 -10.68
C TYR B 238 -10.12 -18.20 -10.83
N GLN B 239 -11.24 -18.78 -11.22
CA GLN B 239 -11.35 -20.24 -11.36
C GLN B 239 -10.43 -20.77 -12.46
N LEU B 240 -10.30 -20.06 -13.58
CA LEU B 240 -9.35 -20.49 -14.60
C LEU B 240 -7.91 -20.04 -14.35
N GLU B 241 -7.54 -19.39 -13.22
CA GLU B 241 -6.15 -19.20 -12.75
C GLU B 241 -5.77 -20.19 -11.63
N ARG B 242 -6.74 -20.87 -10.99
CA ARG B 242 -6.54 -21.88 -9.93
C ARG B 242 -5.47 -22.95 -10.29
N PRO B 243 -4.33 -23.16 -9.56
CA PRO B 243 -3.46 -24.35 -9.72
C PRO B 243 -4.14 -25.69 -10.10
#